data_9ETK
#
_entry.id   9ETK
#
_cell.length_a   47.464
_cell.length_b   163.919
_cell.length_c   39.607
_cell.angle_alpha   90.000
_cell.angle_beta   90.000
_cell.angle_gamma   90.000
#
_symmetry.space_group_name_H-M   'P 21 21 2'
#
loop_
_entity.id
_entity.type
_entity.pdbx_description
1 polymer 'Metal-dependent phosphoesterases (PHP family)'
2 non-polymer GLYCEROL
3 non-polymer 'SULFATE ION'
4 non-polymer 'MANGANESE (II) ION'
5 non-polymer 'MAGNESIUM ION'
6 water water
#
_entity_poly.entity_id   1
_entity_poly.type   'polypeptide(L)'
_entity_poly.pdbx_seq_one_letter_code
;GMRIDLHSHTTASDGRFTYQQLIDRAVSFEIDVLAITDHDTVAALADARAYIAQQQYPLQLVNGIEISTVWQNKDIHIVG
LNIDPNSEALGQLIARQQQRRVERAELIAHRLQKATREGVLEEVQHIADGAPITRAHFAKWLVDNGYATNMQQVFKKYLT
RDNPGYVPPNWCSMSEAVSAIHAAGGQAVLAHPGRYDLTAKWLKRLMTAFVEAGGDAMEVAQPQQSPQEKRTLGDYAMEY
QLLASQGSDFHYPSPWMELGRNLWLPAGVEPVWKDWGLSPSNRVERLDEEE
;
_entity_poly.pdbx_strand_id   A
#
# COMPACT_ATOMS: atom_id res chain seq x y z
N GLY A 1 3.74 15.86 18.69
CA GLY A 1 2.47 16.22 18.10
C GLY A 1 1.48 15.08 18.23
N MET A 2 1.38 14.26 17.19
CA MET A 2 0.66 13.01 17.25
C MET A 2 1.50 11.94 16.59
N ARG A 3 1.31 10.70 17.02
CA ARG A 3 1.99 9.57 16.40
C ARG A 3 1.07 9.03 15.32
N ILE A 4 1.55 9.09 14.07
CA ILE A 4 0.71 8.89 12.90
C ILE A 4 1.34 7.81 12.03
N ASP A 5 0.50 6.91 11.48
CA ASP A 5 0.96 5.90 10.53
C ASP A 5 -0.11 5.72 9.46
N LEU A 6 0.17 6.15 8.22
CA LEU A 6 -0.86 6.19 7.17
C LEU A 6 -0.69 5.09 6.11
N HIS A 7 -0.15 3.92 6.49
CA HIS A 7 -0.07 2.82 5.51
C HIS A 7 0.08 1.51 6.27
N SER A 8 -0.98 0.71 6.27
CA SER A 8 -0.91 -0.57 6.97
C SER A 8 -1.89 -1.53 6.33
N HIS A 9 -1.69 -2.84 6.56
CA HIS A 9 -2.51 -3.87 5.94
C HIS A 9 -3.05 -4.83 6.98
N THR A 10 -4.18 -5.46 6.63
CA THR A 10 -4.82 -6.53 7.42
C THR A 10 -4.97 -7.79 6.55
N THR A 11 -5.55 -8.83 7.13
CA THR A 11 -5.84 -10.04 6.36
C THR A 11 -6.91 -9.81 5.30
N ALA A 12 -7.55 -8.63 5.24
CA ALA A 12 -8.41 -8.34 4.08
C ALA A 12 -7.59 -8.25 2.80
N SER A 13 -6.28 -8.00 2.90
CA SER A 13 -5.40 -8.08 1.74
C SER A 13 -4.24 -9.00 2.06
N ASP A 14 -3.04 -8.48 2.21
CA ASP A 14 -1.88 -9.33 2.46
C ASP A 14 -1.22 -9.08 3.80
N GLY A 15 -1.88 -8.38 4.70
CA GLY A 15 -1.46 -8.39 6.09
C GLY A 15 -1.72 -9.75 6.73
N ARG A 16 -1.01 -10.01 7.82
CA ARG A 16 -1.19 -11.26 8.56
C ARG A 16 -2.00 -11.08 9.84
N PHE A 17 -2.28 -9.85 10.22
CA PHE A 17 -3.12 -9.55 11.37
C PHE A 17 -4.54 -9.23 10.92
N THR A 18 -5.52 -9.70 11.68
CA THR A 18 -6.87 -9.22 11.45
C THR A 18 -6.96 -7.74 11.83
N TYR A 19 -8.02 -7.08 11.36
CA TYR A 19 -8.15 -5.67 11.74
C TYR A 19 -8.19 -5.48 13.25
N GLN A 20 -8.82 -6.41 13.98
CA GLN A 20 -8.83 -6.31 15.45
C GLN A 20 -7.41 -6.40 16.01
N GLN A 21 -6.61 -7.35 15.50
CA GLN A 21 -5.25 -7.51 16.00
C GLN A 21 -4.38 -6.31 15.63
N LEU A 22 -4.58 -5.75 14.42
CA LEU A 22 -3.82 -4.58 14.01
C LEU A 22 -4.15 -3.37 14.89
N ILE A 23 -5.45 -3.16 15.15
CA ILE A 23 -5.88 -2.04 15.97
C ILE A 23 -5.40 -2.18 17.39
N ASP A 24 -5.54 -3.38 17.97
CA ASP A 24 -5.01 -3.60 19.32
C ASP A 24 -3.52 -3.27 19.39
N ARG A 25 -2.76 -3.69 18.38
CA ARG A 25 -1.32 -3.39 18.39
C ARG A 25 -1.09 -1.89 18.28
N ALA A 26 -1.86 -1.20 17.41
CA ALA A 26 -1.68 0.25 17.26
C ALA A 26 -1.94 0.97 18.57
N VAL A 27 -2.98 0.56 19.30
CA VAL A 27 -3.27 1.18 20.60
C VAL A 27 -2.12 0.96 21.57
N SER A 28 -1.55 -0.25 21.61
CA SER A 28 -0.45 -0.54 22.51
CA SER A 28 -0.44 -0.54 22.51
C SER A 28 0.79 0.29 22.19
N PHE A 29 1.02 0.56 20.91
CA PHE A 29 2.16 1.36 20.47
C PHE A 29 1.84 2.84 20.45
N GLU A 30 0.75 3.25 21.10
CA GLU A 30 0.42 4.68 21.23
C GLU A 30 0.29 5.39 19.87
N ILE A 31 -0.23 4.70 18.87
CA ILE A 31 -0.52 5.33 17.59
C ILE A 31 -1.81 6.11 17.76
N ASP A 32 -1.79 7.40 17.42
CA ASP A 32 -2.97 8.22 17.55
C ASP A 32 -3.81 8.17 16.29
N VAL A 33 -3.18 8.01 15.12
CA VAL A 33 -3.89 8.09 13.85
C VAL A 33 -3.34 6.94 13.01
N LEU A 34 -4.21 6.05 12.54
CA LEU A 34 -3.81 4.90 11.74
C LEU A 34 -4.69 4.86 10.49
N ALA A 35 -4.07 4.76 9.31
CA ALA A 35 -4.84 4.42 8.10
C ALA A 35 -4.69 2.94 7.79
N ILE A 36 -5.82 2.28 7.52
CA ILE A 36 -5.81 0.93 6.96
C ILE A 36 -5.94 1.09 5.45
N THR A 37 -4.92 0.60 4.73
CA THR A 37 -4.79 0.83 3.27
C THR A 37 -4.62 -0.53 2.59
N ASP A 38 -5.66 -1.36 2.65
CA ASP A 38 -5.56 -2.70 2.07
C ASP A 38 -5.55 -2.64 0.54
N HIS A 39 -4.95 -3.66 -0.08
CA HIS A 39 -4.74 -3.73 -1.53
C HIS A 39 -6.05 -3.99 -2.27
N ASP A 40 -6.50 -3.00 -3.04
CA ASP A 40 -7.64 -3.16 -3.94
C ASP A 40 -8.86 -3.71 -3.21
N THR A 41 -9.04 -3.28 -1.96
CA THR A 41 -10.22 -3.63 -1.19
C THR A 41 -10.43 -2.61 -0.07
N VAL A 42 -11.68 -2.48 0.37
CA VAL A 42 -12.01 -1.71 1.57
C VAL A 42 -12.75 -2.58 2.60
N ALA A 43 -12.59 -3.91 2.49
CA ALA A 43 -13.45 -4.83 3.25
C ALA A 43 -13.30 -4.72 4.76
N ALA A 44 -12.18 -4.22 5.27
CA ALA A 44 -12.02 -4.16 6.72
C ALA A 44 -12.51 -2.85 7.35
N LEU A 45 -12.79 -1.82 6.55
CA LEU A 45 -12.86 -0.46 7.11
C LEU A 45 -14.09 -0.24 7.99
N ALA A 46 -15.28 -0.66 7.55
CA ALA A 46 -16.47 -0.39 8.37
C ALA A 46 -16.39 -1.15 9.70
N ASP A 47 -15.96 -2.41 9.64
CA ASP A 47 -15.87 -3.21 10.86
C ASP A 47 -14.77 -2.67 11.78
N ALA A 48 -13.65 -2.23 11.19
CA ALA A 48 -12.59 -1.65 12.01
C ALA A 48 -13.08 -0.44 12.79
N ARG A 49 -13.85 0.44 12.12
CA ARG A 49 -14.34 1.62 12.81
C ARG A 49 -15.29 1.24 13.94
N ALA A 50 -16.16 0.25 13.70
CA ALA A 50 -17.09 -0.18 14.74
C ALA A 50 -16.34 -0.82 15.91
N TYR A 51 -15.29 -1.56 15.62
CA TYR A 51 -14.49 -2.19 16.68
C TYR A 51 -13.85 -1.15 17.59
N ILE A 52 -13.27 -0.10 16.99
CA ILE A 52 -12.68 0.96 17.81
C ILE A 52 -13.72 1.56 18.75
N ALA A 53 -14.92 1.83 18.24
CA ALA A 53 -15.97 2.43 19.08
C ALA A 53 -16.41 1.46 20.19
N GLN A 54 -16.58 0.18 19.83
CA GLN A 54 -17.00 -0.82 20.81
C GLN A 54 -15.97 -0.97 21.92
N GLN A 55 -14.70 -0.91 21.58
CA GLN A 55 -13.62 -1.10 22.55
C GLN A 55 -13.30 0.16 23.34
N GLN A 56 -13.86 1.32 22.94
CA GLN A 56 -13.61 2.60 23.60
C GLN A 56 -12.14 3.01 23.46
N TYR A 57 -11.49 2.59 22.34
CA TYR A 57 -10.13 3.02 22.07
C TYR A 57 -10.13 4.46 21.55
N PRO A 58 -9.07 5.22 21.80
CA PRO A 58 -9.01 6.62 21.32
C PRO A 58 -8.42 6.79 19.92
N LEU A 59 -8.05 5.69 19.29
CA LEU A 59 -7.39 5.71 17.99
C LEU A 59 -8.30 6.33 16.93
N GLN A 60 -7.72 7.22 16.11
CA GLN A 60 -8.44 7.83 14.99
C GLN A 60 -8.14 7.02 13.74
N LEU A 61 -9.16 6.35 13.20
CA LEU A 61 -8.99 5.52 12.01
C LEU A 61 -9.18 6.37 10.77
N VAL A 62 -8.25 6.25 9.83
CA VAL A 62 -8.34 6.89 8.52
C VAL A 62 -8.74 5.81 7.53
N ASN A 63 -9.86 6.02 6.83
CA ASN A 63 -10.25 5.09 5.78
C ASN A 63 -9.26 5.18 4.63
N GLY A 64 -8.72 4.04 4.22
CA GLY A 64 -7.72 4.04 3.17
C GLY A 64 -7.86 2.87 2.22
N ILE A 65 -7.01 2.90 1.20
CA ILE A 65 -6.93 1.84 0.21
C ILE A 65 -5.59 1.99 -0.49
N GLU A 66 -5.05 0.87 -0.95
CA GLU A 66 -3.85 0.90 -1.80
C GLU A 66 -4.23 0.32 -3.16
N ILE A 67 -4.12 1.12 -4.22
CA ILE A 67 -4.57 0.73 -5.56
C ILE A 67 -3.36 0.48 -6.44
N SER A 68 -3.32 -0.69 -7.10
CA SER A 68 -2.28 -0.97 -8.09
C SER A 68 -2.65 -0.27 -9.40
N THR A 69 -1.70 0.47 -9.96
CA THR A 69 -1.94 1.16 -11.22
C THR A 69 -0.78 0.87 -12.16
N VAL A 70 -0.96 1.19 -13.44
CA VAL A 70 0.11 1.07 -14.42
C VAL A 70 0.41 2.44 -14.97
N TRP A 71 1.70 2.78 -15.03
CA TRP A 71 2.16 4.02 -15.63
C TRP A 71 3.41 3.66 -16.39
N GLN A 72 3.45 4.01 -17.69
CA GLN A 72 4.59 3.73 -18.54
C GLN A 72 5.08 2.29 -18.37
N ASN A 73 4.12 1.37 -18.32
CA ASN A 73 4.41 -0.06 -18.18
C ASN A 73 5.07 -0.41 -16.86
N LYS A 74 4.92 0.42 -15.83
CA LYS A 74 5.41 0.12 -14.50
C LYS A 74 4.25 -0.01 -13.52
N ASP A 75 4.44 -0.85 -12.52
CA ASP A 75 3.45 -1.02 -11.46
C ASP A 75 3.67 0.05 -10.40
N ILE A 76 2.71 0.97 -10.24
CA ILE A 76 2.82 2.08 -9.32
C ILE A 76 1.66 1.97 -8.34
N HIS A 77 1.92 2.14 -7.04
CA HIS A 77 0.85 2.00 -6.04
C HIS A 77 0.37 3.38 -5.61
N ILE A 78 -0.94 3.61 -5.68
CA ILE A 78 -1.52 4.89 -5.27
C ILE A 78 -2.42 4.61 -4.06
N VAL A 79 -2.14 5.29 -2.95
CA VAL A 79 -2.93 5.12 -1.73
C VAL A 79 -3.99 6.22 -1.70
N GLY A 80 -5.19 5.88 -1.25
CA GLY A 80 -6.23 6.85 -1.02
C GLY A 80 -6.43 6.97 0.48
N LEU A 81 -6.56 8.21 0.97
CA LEU A 81 -6.75 8.48 2.40
C LEU A 81 -8.04 9.26 2.59
N ASN A 82 -8.79 8.92 3.65
CA ASN A 82 -10.09 9.54 3.92
C ASN A 82 -11.08 9.33 2.78
N ILE A 83 -11.05 8.15 2.20
CA ILE A 83 -12.05 7.74 1.21
C ILE A 83 -13.36 7.31 1.88
N ASP A 84 -14.45 7.46 1.13
CA ASP A 84 -15.74 6.90 1.55
C ASP A 84 -15.79 5.45 1.09
N PRO A 85 -15.80 4.47 2.00
CA PRO A 85 -15.79 3.07 1.56
C PRO A 85 -17.02 2.69 0.77
N ASN A 86 -18.10 3.48 0.84
CA ASN A 86 -19.34 3.19 0.13
C ASN A 86 -19.42 3.90 -1.22
N SER A 87 -18.38 4.63 -1.61
CA SER A 87 -18.40 5.33 -2.89
C SER A 87 -18.66 4.38 -4.04
N GLU A 88 -19.64 4.75 -4.87
CA GLU A 88 -19.95 3.95 -6.04
CA GLU A 88 -19.95 3.95 -6.04
C GLU A 88 -18.81 3.95 -7.05
N ALA A 89 -18.24 5.12 -7.32
CA ALA A 89 -17.13 5.19 -8.29
C ALA A 89 -15.97 4.32 -7.83
N LEU A 90 -15.60 4.42 -6.55
CA LEU A 90 -14.50 3.62 -6.04
C LEU A 90 -14.86 2.14 -6.03
N GLY A 91 -16.10 1.82 -5.68
CA GLY A 91 -16.50 0.41 -5.63
C GLY A 91 -16.46 -0.22 -7.01
N GLN A 92 -16.83 0.53 -8.04
CA GLN A 92 -16.75 0.01 -9.40
C GLN A 92 -15.30 -0.25 -9.79
N LEU A 93 -14.39 0.66 -9.42
CA LEU A 93 -12.99 0.43 -9.72
C LEU A 93 -12.46 -0.77 -8.97
N ILE A 94 -12.80 -0.90 -7.68
CA ILE A 94 -12.38 -2.05 -6.89
C ILE A 94 -12.82 -3.35 -7.54
N ALA A 95 -14.07 -3.40 -8.04
CA ALA A 95 -14.53 -4.64 -8.67
C ALA A 95 -13.70 -4.97 -9.91
N ARG A 96 -13.37 -3.97 -10.73
CA ARG A 96 -12.54 -4.22 -11.90
C ARG A 96 -11.15 -4.68 -11.49
N GLN A 97 -10.58 -4.04 -10.48
CA GLN A 97 -9.24 -4.39 -10.02
C GLN A 97 -9.22 -5.80 -9.45
N GLN A 98 -10.29 -6.19 -8.75
CA GLN A 98 -10.30 -7.53 -8.17
C GLN A 98 -10.44 -8.60 -9.24
N GLN A 99 -11.20 -8.31 -10.31
CA GLN A 99 -11.25 -9.23 -11.45
C GLN A 99 -9.88 -9.35 -12.12
N ARG A 100 -9.18 -8.22 -12.28
CA ARG A 100 -7.81 -8.30 -12.82
CA ARG A 100 -7.81 -8.30 -12.82
C ARG A 100 -6.93 -9.17 -11.96
N ARG A 101 -7.06 -9.07 -10.63
CA ARG A 101 -6.22 -9.85 -9.72
C ARG A 101 -6.49 -11.34 -9.83
N VAL A 102 -7.74 -11.73 -10.03
CA VAL A 102 -8.04 -13.15 -10.25
C VAL A 102 -7.31 -13.66 -11.48
N GLU A 103 -7.44 -12.92 -12.59
CA GLU A 103 -6.81 -13.34 -13.83
C GLU A 103 -5.29 -13.32 -13.71
N ARG A 104 -4.75 -12.31 -13.02
CA ARG A 104 -3.31 -12.20 -12.86
C ARG A 104 -2.76 -13.36 -12.02
N ALA A 105 -3.44 -13.70 -10.92
CA ALA A 105 -2.98 -14.81 -10.08
C ALA A 105 -2.94 -16.12 -10.87
N GLU A 106 -3.93 -16.34 -11.74
CA GLU A 106 -3.90 -17.53 -12.57
C GLU A 106 -2.64 -17.55 -13.44
N LEU A 107 -2.29 -16.40 -14.02
CA LEU A 107 -1.14 -16.39 -14.92
C LEU A 107 0.17 -16.50 -14.14
N ILE A 108 0.27 -15.79 -13.01
CA ILE A 108 1.47 -15.88 -12.18
C ILE A 108 1.70 -17.32 -11.74
N ALA A 109 0.64 -17.98 -11.27
CA ALA A 109 0.76 -19.36 -10.86
C ALA A 109 1.18 -20.26 -12.03
N HIS A 110 0.60 -20.04 -13.21
CA HIS A 110 0.96 -20.83 -14.38
C HIS A 110 2.45 -20.72 -14.68
N ARG A 111 3.01 -19.51 -14.60
CA ARG A 111 4.41 -19.29 -14.91
C ARG A 111 5.31 -19.78 -13.78
N LEU A 112 4.95 -19.46 -12.53
CA LEU A 112 5.75 -19.87 -11.38
C LEU A 112 5.86 -21.39 -11.29
N GLN A 113 4.79 -22.09 -11.66
CA GLN A 113 4.78 -23.55 -11.58
C GLN A 113 5.87 -24.17 -12.43
N LYS A 114 6.18 -23.56 -13.58
CA LYS A 114 7.21 -24.11 -14.45
C LYS A 114 8.60 -24.07 -13.83
N ALA A 115 8.80 -23.25 -12.80
CA ALA A 115 10.06 -23.11 -12.11
C ALA A 115 10.06 -23.74 -10.73
N THR A 116 8.92 -24.26 -10.28
CA THR A 116 8.81 -24.80 -8.92
C THR A 116 8.19 -26.19 -8.94
N ARG A 117 6.91 -26.30 -8.60
CA ARG A 117 6.23 -27.60 -8.56
C ARG A 117 4.75 -27.36 -8.75
N GLU A 118 4.02 -28.45 -9.01
CA GLU A 118 2.58 -28.36 -9.22
C GLU A 118 1.85 -27.94 -7.95
N GLY A 119 0.70 -27.30 -8.13
CA GLY A 119 -0.16 -26.92 -7.03
C GLY A 119 -0.03 -25.50 -6.54
N VAL A 120 0.66 -24.62 -7.28
CA VAL A 120 0.93 -23.26 -6.80
C VAL A 120 -0.36 -22.49 -6.53
N LEU A 121 -1.27 -22.49 -7.51
CA LEU A 121 -2.45 -21.63 -7.40
C LEU A 121 -3.31 -22.01 -6.21
N GLU A 122 -3.67 -23.29 -6.09
CA GLU A 122 -4.57 -23.70 -5.02
C GLU A 122 -3.98 -23.41 -3.65
N GLU A 123 -2.67 -23.60 -3.49
CA GLU A 123 -2.04 -23.36 -2.20
C GLU A 123 -1.91 -21.85 -1.90
N VAL A 124 -1.72 -21.02 -2.93
CA VAL A 124 -1.71 -19.58 -2.73
C VAL A 124 -3.12 -19.06 -2.45
N GLN A 125 -4.13 -19.66 -3.07
CA GLN A 125 -5.50 -19.32 -2.71
C GLN A 125 -5.78 -19.60 -1.24
N HIS A 126 -5.26 -20.72 -0.72
CA HIS A 126 -5.40 -21.00 0.70
C HIS A 126 -4.72 -19.93 1.55
N ILE A 127 -3.52 -19.50 1.16
CA ILE A 127 -2.81 -18.44 1.88
C ILE A 127 -3.63 -17.15 1.88
N ALA A 128 -4.19 -16.80 0.72
CA ALA A 128 -4.93 -15.53 0.63
C ALA A 128 -6.24 -15.59 1.41
N ASP A 129 -6.80 -16.78 1.58
CA ASP A 129 -7.96 -16.98 2.46
C ASP A 129 -9.13 -16.07 2.10
N GLY A 130 -9.37 -15.88 0.80
CA GLY A 130 -10.46 -15.04 0.34
C GLY A 130 -10.09 -13.61 0.01
N ALA A 131 -8.91 -13.15 0.40
CA ALA A 131 -8.46 -11.80 0.05
C ALA A 131 -8.04 -11.74 -1.42
N PRO A 132 -8.09 -10.57 -2.04
CA PRO A 132 -7.53 -10.47 -3.40
C PRO A 132 -6.05 -10.85 -3.38
N ILE A 133 -5.65 -11.68 -4.33
CA ILE A 133 -4.32 -12.29 -4.28
C ILE A 133 -3.26 -11.27 -4.70
N THR A 134 -2.19 -11.17 -3.92
CA THR A 134 -1.08 -10.27 -4.19
C THR A 134 0.22 -11.06 -4.35
N ARG A 135 1.25 -10.39 -4.88
CA ARG A 135 2.58 -11.01 -4.94
C ARG A 135 3.07 -11.44 -3.57
N ALA A 136 2.64 -10.74 -2.50
CA ALA A 136 3.07 -11.15 -1.16
C ALA A 136 2.55 -12.53 -0.78
N HIS A 137 1.36 -12.90 -1.27
CA HIS A 137 0.86 -14.25 -1.00
C HIS A 137 1.72 -15.30 -1.70
N PHE A 138 2.09 -15.06 -2.96
CA PHE A 138 3.01 -15.96 -3.66
C PHE A 138 4.38 -15.98 -2.98
N ALA A 139 4.85 -14.83 -2.50
CA ALA A 139 6.15 -14.77 -1.83
C ALA A 139 6.17 -15.64 -0.58
N LYS A 140 5.10 -15.62 0.20
CA LYS A 140 5.05 -16.48 1.38
CA LYS A 140 5.03 -16.49 1.38
C LYS A 140 5.11 -17.95 0.98
N TRP A 141 4.36 -18.33 -0.07
CA TRP A 141 4.44 -19.69 -0.56
C TRP A 141 5.88 -20.06 -0.91
N LEU A 142 6.57 -19.16 -1.63
CA LEU A 142 7.95 -19.39 -2.03
C LEU A 142 8.88 -19.55 -0.82
N VAL A 143 8.67 -18.74 0.23
CA VAL A 143 9.51 -18.91 1.43
C VAL A 143 9.15 -20.19 2.16
N ASP A 144 7.86 -20.46 2.35
CA ASP A 144 7.43 -21.60 3.14
C ASP A 144 7.83 -22.93 2.52
N ASN A 145 8.13 -22.95 1.23
CA ASN A 145 8.56 -24.17 0.55
C ASN A 145 10.03 -24.13 0.16
N GLY A 146 10.79 -23.22 0.76
CA GLY A 146 12.24 -23.27 0.64
C GLY A 146 12.82 -22.80 -0.66
N TYR A 147 12.06 -22.11 -1.49
CA TYR A 147 12.61 -21.53 -2.71
C TYR A 147 13.34 -20.21 -2.45
N ALA A 148 13.13 -19.61 -1.28
CA ALA A 148 13.84 -18.40 -0.88
C ALA A 148 13.92 -18.38 0.65
N THR A 149 14.90 -17.64 1.17
CA THR A 149 15.23 -17.67 2.59
C THR A 149 14.39 -16.70 3.42
N ASN A 150 13.92 -15.62 2.80
CA ASN A 150 13.10 -14.64 3.49
C ASN A 150 12.34 -13.84 2.44
N MET A 151 11.39 -13.03 2.89
CA MET A 151 10.55 -12.30 1.96
C MET A 151 11.33 -11.27 1.17
N GLN A 152 12.49 -10.83 1.65
CA GLN A 152 13.32 -9.91 0.87
C GLN A 152 14.07 -10.62 -0.25
N GLN A 153 14.51 -11.86 0.00
CA GLN A 153 15.22 -12.60 -1.04
C GLN A 153 14.29 -13.05 -2.16
N VAL A 154 13.00 -13.24 -1.86
CA VAL A 154 12.05 -13.75 -2.86
C VAL A 154 12.11 -12.90 -4.12
N PHE A 155 12.08 -11.58 -3.95
CA PHE A 155 11.93 -10.67 -5.07
C PHE A 155 13.22 -10.46 -5.85
N LYS A 156 14.35 -10.96 -5.35
CA LYS A 156 15.56 -11.05 -6.16
C LYS A 156 15.59 -12.31 -7.02
N LYS A 157 14.71 -13.27 -6.75
CA LYS A 157 14.71 -14.54 -7.43
C LYS A 157 13.42 -14.87 -8.17
N TYR A 158 12.32 -14.19 -7.87
CA TYR A 158 11.01 -14.60 -8.38
C TYR A 158 10.12 -13.38 -8.48
N LEU A 159 9.08 -13.48 -9.33
CA LEU A 159 7.93 -12.58 -9.35
C LEU A 159 8.20 -11.22 -9.98
N THR A 160 9.45 -10.75 -9.95
CA THR A 160 9.86 -9.47 -10.49
C THR A 160 10.38 -9.64 -11.91
N ARG A 161 10.62 -8.50 -12.59
CA ARG A 161 11.09 -8.52 -13.97
C ARG A 161 12.31 -9.42 -14.12
N ASP A 162 12.28 -10.26 -15.16
CA ASP A 162 13.38 -11.15 -15.54
C ASP A 162 13.53 -12.34 -14.60
N ASN A 163 12.51 -12.64 -13.81
CA ASN A 163 12.50 -13.76 -12.87
C ASN A 163 11.25 -14.59 -13.07
N PRO A 164 11.29 -15.86 -12.66
CA PRO A 164 10.12 -16.73 -12.85
C PRO A 164 8.89 -16.21 -12.12
N GLY A 165 7.74 -16.31 -12.78
CA GLY A 165 6.48 -15.85 -12.23
C GLY A 165 6.12 -14.42 -12.59
N TYR A 166 7.02 -13.68 -13.23
CA TYR A 166 6.73 -12.30 -13.56
C TYR A 166 5.58 -12.22 -14.56
N VAL A 167 4.62 -11.32 -14.28
CA VAL A 167 3.57 -10.94 -15.22
C VAL A 167 3.55 -9.42 -15.31
N PRO A 168 3.55 -8.85 -16.49
CA PRO A 168 3.61 -7.39 -16.62
C PRO A 168 2.34 -6.76 -16.05
N PRO A 169 2.42 -5.50 -15.60
CA PRO A 169 1.24 -4.88 -14.99
C PRO A 169 0.14 -4.59 -15.99
N ASN A 170 -1.10 -4.86 -15.57
CA ASN A 170 -2.28 -4.64 -16.39
C ASN A 170 -3.41 -4.09 -15.52
N TRP A 171 -3.21 -2.89 -14.98
CA TRP A 171 -4.12 -2.29 -14.01
C TRP A 171 -4.82 -1.10 -14.63
N CYS A 172 -5.64 -0.44 -13.82
CA CYS A 172 -6.12 0.88 -14.19
C CYS A 172 -4.95 1.86 -14.27
N SER A 173 -5.19 3.00 -14.92
CA SER A 173 -4.17 4.04 -14.98
C SER A 173 -4.04 4.80 -13.65
N MET A 174 -2.91 5.50 -13.47
CA MET A 174 -2.77 6.40 -12.32
C MET A 174 -3.89 7.44 -12.28
N SER A 175 -4.19 8.05 -13.42
N SER A 175 -4.18 8.06 -13.42
CA SER A 175 -5.25 9.06 -13.44
CA SER A 175 -5.26 9.04 -13.49
C SER A 175 -6.60 8.46 -13.05
C SER A 175 -6.58 8.44 -13.02
N GLU A 176 -6.88 7.23 -13.46
CA GLU A 176 -8.15 6.62 -13.05
CA GLU A 176 -8.13 6.59 -13.05
C GLU A 176 -8.18 6.38 -11.55
N ALA A 177 -7.07 5.91 -10.97
CA ALA A 177 -7.03 5.71 -9.52
C ALA A 177 -7.21 7.04 -8.78
N VAL A 178 -6.49 8.09 -9.24
CA VAL A 178 -6.63 9.40 -8.59
C VAL A 178 -8.07 9.92 -8.71
N SER A 179 -8.66 9.80 -9.89
CA SER A 179 -10.03 10.28 -10.08
CA SER A 179 -10.03 10.29 -10.08
C SER A 179 -11.01 9.56 -9.16
N ALA A 180 -10.85 8.23 -9.00
CA ALA A 180 -11.76 7.48 -8.14
C ALA A 180 -11.58 7.82 -6.67
N ILE A 181 -10.32 7.97 -6.22
CA ILE A 181 -10.09 8.39 -4.84
C ILE A 181 -10.74 9.74 -4.56
N HIS A 182 -10.61 10.68 -5.52
CA HIS A 182 -11.21 12.01 -5.33
C HIS A 182 -12.72 11.92 -5.34
N ALA A 183 -13.27 11.07 -6.20
CA ALA A 183 -14.72 10.92 -6.25
C ALA A 183 -15.25 10.39 -4.93
N ALA A 184 -14.44 9.59 -4.23
CA ALA A 184 -14.74 9.07 -2.90
C ALA A 184 -14.37 10.04 -1.79
N GLY A 185 -13.99 11.27 -2.11
CA GLY A 185 -13.75 12.26 -1.08
C GLY A 185 -12.36 12.25 -0.46
N GLY A 186 -11.41 11.49 -1.02
CA GLY A 186 -10.13 11.26 -0.39
C GLY A 186 -9.02 12.04 -1.08
N GLN A 187 -7.82 11.93 -0.49
CA GLN A 187 -6.59 12.44 -1.07
C GLN A 187 -5.81 11.27 -1.64
N ALA A 188 -5.19 11.48 -2.80
CA ALA A 188 -4.43 10.45 -3.50
C ALA A 188 -2.94 10.64 -3.20
N VAL A 189 -2.26 9.53 -2.84
CA VAL A 189 -0.89 9.54 -2.35
C VAL A 189 -0.03 8.60 -3.19
N LEU A 190 1.08 9.11 -3.71
CA LEU A 190 2.02 8.25 -4.43
C LEU A 190 2.80 7.46 -3.38
N ALA A 191 2.61 6.13 -3.35
CA ALA A 191 3.17 5.33 -2.26
C ALA A 191 4.62 4.95 -2.54
N HIS A 192 5.41 4.79 -1.45
CA HIS A 192 6.78 4.29 -1.43
C HIS A 192 7.55 4.55 -2.72
N PRO A 193 7.82 5.82 -3.03
CA PRO A 193 8.48 6.12 -4.31
C PRO A 193 9.86 5.50 -4.44
N GLY A 194 10.58 5.28 -3.35
CA GLY A 194 11.89 4.68 -3.47
C GLY A 194 11.87 3.22 -3.88
N ARG A 195 10.73 2.54 -3.70
CA ARG A 195 10.63 1.12 -3.97
C ARG A 195 10.55 0.80 -5.46
N TYR A 196 10.27 1.79 -6.30
CA TYR A 196 10.18 1.57 -7.75
C TYR A 196 11.54 1.44 -8.41
N ASP A 197 12.63 1.75 -7.69
CA ASP A 197 13.99 1.56 -8.21
C ASP A 197 14.23 2.35 -9.50
N LEU A 198 13.68 3.55 -9.57
CA LEU A 198 13.82 4.38 -10.77
C LEU A 198 15.04 5.27 -10.66
N THR A 199 15.61 5.64 -11.81
CA THR A 199 16.60 6.70 -11.82
C THR A 199 15.94 8.02 -11.43
N ALA A 200 16.76 9.03 -11.13
CA ALA A 200 16.19 10.32 -10.75
C ALA A 200 15.38 10.90 -11.90
N LYS A 201 15.87 10.72 -13.14
CA LYS A 201 15.14 11.16 -14.31
C LYS A 201 13.75 10.55 -14.37
N TRP A 202 13.67 9.22 -14.18
CA TRP A 202 12.36 8.57 -14.26
C TRP A 202 11.49 8.86 -13.05
N LEU A 203 12.08 9.02 -11.87
CA LEU A 203 11.27 9.36 -10.71
C LEU A 203 10.65 10.75 -10.89
N LYS A 204 11.41 11.70 -11.44
CA LYS A 204 10.86 13.03 -11.73
C LYS A 204 9.75 12.93 -12.76
N ARG A 205 9.91 12.07 -13.78
CA ARG A 205 8.82 11.89 -14.73
C ARG A 205 7.58 11.34 -14.06
N LEU A 206 7.77 10.39 -13.15
CA LEU A 206 6.64 9.81 -12.44
C LEU A 206 5.92 10.87 -11.58
N MET A 207 6.70 11.66 -10.84
CA MET A 207 6.09 12.70 -10.00
C MET A 207 5.37 13.73 -10.85
N THR A 208 5.93 14.07 -12.01
CA THR A 208 5.26 15.02 -12.90
C THR A 208 3.93 14.46 -13.37
N ALA A 209 3.94 13.19 -13.82
CA ALA A 209 2.71 12.57 -14.29
C ALA A 209 1.68 12.46 -13.15
N PHE A 210 2.16 12.16 -11.94
CA PHE A 210 1.25 12.08 -10.79
C PHE A 210 0.60 13.43 -10.48
N VAL A 211 1.39 14.52 -10.48
CA VAL A 211 0.85 15.87 -10.31
C VAL A 211 -0.18 16.18 -11.40
N GLU A 212 0.15 15.84 -12.64
CA GLU A 212 -0.74 16.18 -13.76
C GLU A 212 -2.06 15.41 -13.69
N ALA A 213 -2.05 14.25 -13.03
CA ALA A 213 -3.24 13.45 -12.82
C ALA A 213 -4.10 13.98 -11.68
N GLY A 214 -3.64 15.01 -10.97
CA GLY A 214 -4.37 15.54 -9.84
C GLY A 214 -3.92 14.98 -8.52
N GLY A 215 -2.77 14.31 -8.47
CA GLY A 215 -2.32 13.74 -7.20
C GLY A 215 -2.05 14.78 -6.14
N ASP A 216 -2.24 14.36 -4.86
CA ASP A 216 -2.21 15.28 -3.72
C ASP A 216 -0.93 15.21 -2.90
N ALA A 217 -0.34 14.01 -2.77
CA ALA A 217 0.68 13.79 -1.75
C ALA A 217 1.58 12.64 -2.19
N MET A 218 2.73 12.51 -1.52
N MET A 218 2.73 12.51 -1.52
CA MET A 218 3.65 11.40 -1.76
CA MET A 218 3.62 11.38 -1.76
C MET A 218 4.15 10.93 -0.40
C MET A 218 4.19 10.92 -0.41
N GLU A 219 4.38 9.62 -0.26
CA GLU A 219 4.97 9.10 0.97
C GLU A 219 6.44 9.48 1.04
N VAL A 220 6.81 10.22 2.08
CA VAL A 220 8.19 10.67 2.27
C VAL A 220 8.91 9.80 3.29
N ALA A 221 8.18 9.22 4.25
CA ALA A 221 8.81 8.50 5.35
C ALA A 221 8.31 7.06 5.43
N GLN A 222 9.25 6.13 5.70
CA GLN A 222 8.95 4.73 5.92
C GLN A 222 9.99 4.19 6.89
N PRO A 223 9.78 2.98 7.42
CA PRO A 223 10.67 2.51 8.52
C PRO A 223 12.13 2.27 8.15
N GLN A 224 12.37 1.59 7.05
CA GLN A 224 13.75 1.26 6.64
C GLN A 224 14.18 2.32 5.66
N GLN A 225 14.93 3.33 6.14
CA GLN A 225 15.15 4.54 5.36
C GLN A 225 16.10 5.46 6.11
N SER A 226 17.05 6.06 5.40
CA SER A 226 18.01 6.95 6.04
C SER A 226 17.48 8.37 6.11
N PRO A 227 18.04 9.20 7.00
CA PRO A 227 17.67 10.63 7.00
C PRO A 227 17.90 11.31 5.66
N GLN A 228 18.98 10.95 4.96
N GLN A 228 18.99 10.98 4.97
CA GLN A 228 19.27 11.55 3.66
CA GLN A 228 19.22 11.60 3.66
C GLN A 228 18.21 11.18 2.63
C GLN A 228 18.12 11.21 2.69
N GLU A 229 17.69 9.95 2.70
CA GLU A 229 16.59 9.55 1.82
C GLU A 229 15.32 10.31 2.13
N LYS A 230 15.00 10.49 3.42
CA LYS A 230 13.84 11.34 3.76
C LYS A 230 14.03 12.76 3.23
N ARG A 231 15.24 13.31 3.38
CA ARG A 231 15.49 14.67 2.96
C ARG A 231 15.33 14.81 1.45
N THR A 232 15.82 13.83 0.68
CA THR A 232 15.66 13.87 -0.77
C THR A 232 14.19 13.81 -1.17
N LEU A 233 13.43 12.85 -0.59
CA LEU A 233 12.02 12.76 -0.95
C LEU A 233 11.23 13.96 -0.48
N GLY A 234 11.59 14.52 0.68
CA GLY A 234 10.94 15.75 1.13
C GLY A 234 11.21 16.90 0.18
N ASP A 235 12.45 17.02 -0.29
CA ASP A 235 12.77 18.04 -1.29
C ASP A 235 11.90 17.87 -2.53
N TYR A 236 11.75 16.63 -3.01
CA TYR A 236 10.90 16.40 -4.18
C TYR A 236 9.46 16.80 -3.90
N ALA A 237 8.93 16.41 -2.74
CA ALA A 237 7.55 16.77 -2.42
C ALA A 237 7.39 18.28 -2.46
N MET A 238 8.33 19.01 -1.86
CA MET A 238 8.27 20.47 -1.88
C MET A 238 8.37 21.01 -3.30
N GLU A 239 9.33 20.50 -4.07
CA GLU A 239 9.53 20.99 -5.44
C GLU A 239 8.30 20.77 -6.30
N TYR A 240 7.63 19.62 -6.14
CA TYR A 240 6.47 19.27 -6.95
C TYR A 240 5.15 19.70 -6.33
N GLN A 241 5.20 20.47 -5.21
CA GLN A 241 3.99 20.98 -4.54
C GLN A 241 3.07 19.85 -4.08
N LEU A 242 3.66 18.76 -3.60
CA LEU A 242 2.89 17.65 -3.05
C LEU A 242 2.99 17.67 -1.54
N LEU A 243 1.90 17.32 -0.88
CA LEU A 243 1.96 17.09 0.57
C LEU A 243 2.71 15.80 0.87
N ALA A 244 3.16 15.66 2.11
CA ALA A 244 3.97 14.51 2.52
C ALA A 244 3.18 13.55 3.39
N SER A 245 3.20 12.27 3.03
CA SER A 245 2.65 11.23 3.89
C SER A 245 3.76 10.40 4.53
N GLN A 246 3.35 9.51 5.44
CA GLN A 246 4.28 8.63 6.14
C GLN A 246 3.53 7.37 6.52
N GLY A 247 4.20 6.24 6.46
CA GLY A 247 3.50 5.00 6.75
C GLY A 247 4.47 3.84 6.89
N SER A 248 4.10 2.84 7.72
CA SER A 248 5.01 1.71 7.93
C SER A 248 4.88 0.65 6.85
N ASP A 249 3.73 0.57 6.17
CA ASP A 249 3.40 -0.57 5.31
C ASP A 249 3.43 -1.87 6.11
N PHE A 250 2.94 -1.81 7.35
CA PHE A 250 2.95 -3.00 8.22
C PHE A 250 2.15 -4.12 7.59
N HIS A 251 2.79 -5.30 7.48
CA HIS A 251 2.07 -6.53 7.22
C HIS A 251 2.13 -7.48 8.39
N TYR A 252 3.26 -7.49 9.10
CA TYR A 252 3.46 -8.36 10.26
C TYR A 252 4.65 -7.79 11.03
N PRO A 253 4.81 -8.15 12.32
CA PRO A 253 5.91 -7.57 13.09
C PRO A 253 7.24 -8.17 12.68
N SER A 254 8.31 -7.38 12.79
CA SER A 254 9.64 -7.94 12.55
C SER A 254 10.67 -7.04 13.23
N PRO A 255 11.93 -7.47 13.30
CA PRO A 255 12.97 -6.57 13.83
C PRO A 255 13.12 -5.28 13.06
N TRP A 256 12.69 -5.25 11.80
CA TRP A 256 12.83 -4.07 10.97
C TRP A 256 11.51 -3.37 10.68
N MET A 257 10.44 -3.80 11.29
CA MET A 257 9.13 -3.24 10.98
C MET A 257 8.34 -3.08 12.27
N GLU A 258 7.74 -1.90 12.45
CA GLU A 258 6.77 -1.70 13.51
C GLU A 258 5.86 -0.55 13.08
N LEU A 259 4.62 -0.60 13.57
CA LEU A 259 3.72 0.53 13.41
C LEU A 259 4.40 1.79 13.94
N GLY A 260 4.32 2.86 13.16
CA GLY A 260 4.83 4.17 13.56
C GLY A 260 6.34 4.32 13.54
N ARG A 261 7.10 3.29 13.17
CA ARG A 261 8.54 3.31 13.40
C ARG A 261 9.23 4.19 12.37
N ASN A 262 10.06 5.14 12.85
CA ASN A 262 10.92 5.95 11.98
C ASN A 262 10.09 6.79 10.99
N LEU A 263 8.89 7.21 11.40
CA LEU A 263 7.98 7.98 10.54
C LEU A 263 8.04 9.43 10.99
N TRP A 264 9.01 10.16 10.50
CA TRP A 264 9.14 11.57 10.79
C TRP A 264 9.42 12.29 9.48
N LEU A 265 9.01 13.56 9.42
CA LEU A 265 9.18 14.30 8.17
C LEU A 265 10.27 15.36 8.33
N PRO A 266 11.06 15.58 7.29
CA PRO A 266 12.11 16.61 7.36
C PRO A 266 11.52 18.02 7.33
N ALA A 267 12.35 18.97 7.71
CA ALA A 267 11.91 20.35 7.85
C ALA A 267 11.47 20.90 6.50
N GLY A 268 10.38 21.66 6.50
CA GLY A 268 9.91 22.35 5.32
C GLY A 268 8.78 21.65 4.60
N VAL A 269 8.59 20.36 4.84
CA VAL A 269 7.57 19.63 4.09
C VAL A 269 6.23 19.85 4.76
N GLU A 270 5.18 19.96 3.97
CA GLU A 270 3.85 20.10 4.55
C GLU A 270 3.16 18.75 4.63
N PRO A 271 2.67 18.35 5.79
CA PRO A 271 2.09 17.02 5.89
C PRO A 271 0.71 16.90 5.25
N VAL A 272 0.41 15.67 4.79
CA VAL A 272 -0.88 15.45 4.12
C VAL A 272 -2.05 15.70 5.06
N TRP A 273 -1.83 15.57 6.39
CA TRP A 273 -2.87 15.76 7.39
C TRP A 273 -2.99 17.20 7.89
N LYS A 274 -2.34 18.17 7.23
CA LYS A 274 -2.31 19.52 7.81
C LYS A 274 -3.70 20.10 8.01
N ASP A 275 -4.65 19.72 7.17
CA ASP A 275 -6.00 20.27 7.24
C ASP A 275 -7.03 19.21 7.64
N TRP A 276 -6.60 18.18 8.38
CA TRP A 276 -7.53 17.16 8.85
C TRP A 276 -8.15 17.48 10.23
N GLY A 277 -7.68 18.52 10.90
CA GLY A 277 -8.23 18.87 12.20
C GLY A 277 -8.04 17.80 13.25
N LEU A 278 -6.86 17.19 13.29
CA LEU A 278 -6.60 16.12 14.25
C LEU A 278 -6.29 16.70 15.63
N SER A 279 -6.30 15.83 16.63
CA SER A 279 -5.84 16.12 17.99
C SER A 279 -5.21 14.86 18.56
N PRO A 280 -4.21 15.00 19.45
CA PRO A 280 -3.54 13.86 20.13
C PRO A 280 -4.49 12.94 20.92
#